data_7EMZ
#
_entry.id   7EMZ
#
_cell.length_a   47.915
_cell.length_b   81.112
_cell.length_c   151.780
_cell.angle_alpha   90.000
_cell.angle_beta   90.000
_cell.angle_gamma   90.000
#
_symmetry.space_group_name_H-M   'P 21 21 21'
#
loop_
_entity.id
_entity.type
_entity.pdbx_description
1 polymer 'NvfI W199F'
2 non-polymer N-OXALYLGLYCINE
3 non-polymer "methyl (3'~{a}~{R},4'~{S},5'~{S},5~{a}~{S},6~{S},7~{S},9~{a}~{R})-1,1,3'~{a},4',5~{a},7,7'-heptamethyl-3,6'-bis(oxidanylidene)spiro[4,5,7,8,9,9~{a}-hexahydrobenzo[c]oxepine-6,2'-4,5-dihydro-3~{H}-1-benzofuran]-5'-carboxylate"
4 non-polymer 'FE (III) ION'
5 water water
#
_entity_poly.entity_id   1
_entity_poly.type   'polypeptide(L)'
_entity_poly.pdbx_seq_one_letter_code
;MGSSHHHHHHSSGLVPRGSHMVGSRTWCESEMLFVQPDAGTKEELYYRVTPKPGQTQANFNWTPHKVRFHDARPQRDSFD
LNTHGFTFVEDAISPQLIERIRADDTAAVEGDYFASVAALVKRVTGADHVVCFSPYTRKENSEKGIFGQPARTVHCDHTP
AAAIELTHKLCGEDAVRLLQSRFRAFSVWRPLVEPVLDWPLAVVDGRTIAPDDLHPVHFLRYEKKDTEPPFQLSFSETQK
WYYLSRQRSDEVSIVKNYDSEVVPSPRSAHCAFKHPFVPKDAPPRESIDVRCLVFGGR
;
_entity_poly.pdbx_strand_id   A,B
#
loop_
_chem_comp.id
_chem_comp.type
_chem_comp.name
_chem_comp.formula
FE non-polymer 'FE (III) ION' 'Fe 3'
H3X non-polymer 'methyl (3'~{a}~{R},4'~{S},5'~{S},5~{a}~{S},6~{S},7~{S},9~{a}~{R})-1,1,3'~{a},4',5~{a},7,7'-heptamethyl-3,6'-bis(oxidanylidene)spiro[4,5,7,8,9,9~{a}-hexahydrobenzo[c]oxepine-6,2'-4,5-dihydro-3~{H}-1-benzofuran]-5'-carboxylate' 'C26 H38 O6'
OGA non-polymer N-OXALYLGLYCINE 'C4 H5 N O5'
#
# COMPACT_ATOMS: atom_id res chain seq x y z
N MET A 21 5.03 5.40 18.90
CA MET A 21 5.32 6.07 17.64
C MET A 21 4.16 6.98 17.21
N VAL A 22 4.44 8.28 17.11
CA VAL A 22 3.44 9.24 16.72
C VAL A 22 3.58 9.54 15.23
N GLY A 23 2.61 10.27 14.69
CA GLY A 23 2.64 10.64 13.28
C GLY A 23 1.82 11.89 13.05
N SER A 24 1.97 12.45 11.87
CA SER A 24 1.25 13.65 11.48
C SER A 24 0.77 13.46 10.03
N ARG A 25 0.42 14.58 9.39
CA ARG A 25 -0.16 14.51 8.05
C ARG A 25 0.87 14.14 7.00
N THR A 26 2.12 14.58 7.16
CA THR A 26 3.16 14.35 6.16
C THR A 26 4.40 13.68 6.75
N TRP A 27 4.30 13.11 7.95
CA TRP A 27 5.44 12.39 8.52
C TRP A 27 4.94 11.43 9.58
N CYS A 28 5.75 10.40 9.84
CA CYS A 28 5.52 9.45 10.90
C CYS A 28 6.88 9.05 11.49
N GLU A 29 6.83 8.41 12.66
CA GLU A 29 8.04 8.03 13.36
C GLU A 29 8.12 6.52 13.51
N SER A 30 9.33 5.98 13.32
CA SER A 30 9.61 4.57 13.52
C SER A 30 11.05 4.42 13.96
N GLU A 31 11.70 3.31 13.58
CA GLU A 31 13.08 3.09 13.95
C GLU A 31 13.77 2.23 12.91
N MET A 32 15.08 2.42 12.79
CA MET A 32 15.94 1.61 11.94
C MET A 32 17.19 1.22 12.72
N LEU A 33 17.92 0.23 12.20
CA LEU A 33 19.11 -0.28 12.85
C LEU A 33 20.33 0.47 12.32
N PHE A 34 21.04 1.14 13.22
CA PHE A 34 22.28 1.85 12.88
C PHE A 34 23.44 1.21 13.62
N VAL A 35 24.65 1.45 13.10
CA VAL A 35 25.86 1.08 13.82
C VAL A 35 26.20 2.22 14.77
N GLN A 36 27.21 2.03 15.60
CA GLN A 36 27.55 3.08 16.55
C GLN A 36 28.35 4.18 15.87
N PRO A 37 28.25 5.42 16.36
CA PRO A 37 29.00 6.53 15.73
C PRO A 37 30.50 6.32 15.70
N ASP A 38 31.05 5.50 16.60
CA ASP A 38 32.48 5.19 16.63
C ASP A 38 32.77 3.82 16.06
N ALA A 39 31.82 3.19 15.37
CA ALA A 39 32.03 1.85 14.83
C ALA A 39 33.13 1.86 13.78
N GLY A 40 34.11 0.98 13.97
CA GLY A 40 35.22 0.86 13.05
C GLY A 40 36.37 1.81 13.31
N THR A 41 36.34 2.58 14.38
CA THR A 41 37.43 3.50 14.70
C THR A 41 38.59 2.82 15.42
N LYS A 42 38.48 1.53 15.71
CA LYS A 42 39.56 0.77 16.32
C LYS A 42 40.09 -0.34 15.41
N GLU A 43 39.22 -0.99 14.63
CA GLU A 43 39.64 -1.99 13.67
C GLU A 43 38.58 -2.07 12.58
N GLU A 44 38.90 -2.76 11.50
CA GLU A 44 37.96 -2.90 10.40
C GLU A 44 36.76 -3.75 10.82
N LEU A 45 35.57 -3.30 10.44
CA LEU A 45 34.35 -4.01 10.79
C LEU A 45 34.09 -5.14 9.80
N TYR A 46 33.58 -6.25 10.31
CA TYR A 46 33.27 -7.39 9.46
C TYR A 46 32.04 -8.12 10.00
N TYR A 47 31.30 -8.73 9.09
CA TYR A 47 30.10 -9.49 9.43
C TYR A 47 30.10 -10.77 8.60
N ARG A 48 30.19 -11.91 9.26
CA ARG A 48 30.31 -13.19 8.57
C ARG A 48 28.92 -13.67 8.17
N VAL A 49 28.68 -13.72 6.85
CA VAL A 49 27.39 -14.19 6.34
C VAL A 49 27.22 -15.68 6.62
N THR A 50 28.29 -16.45 6.46
CA THR A 50 28.30 -17.88 6.75
C THR A 50 29.15 -18.11 8.01
N PRO A 51 28.56 -18.05 9.20
CA PRO A 51 29.37 -18.15 10.42
C PRO A 51 29.71 -19.59 10.76
N LYS A 52 30.98 -19.79 11.14
CA LYS A 52 31.42 -21.13 11.50
C LYS A 52 31.76 -21.20 12.99
N PRO A 53 31.47 -22.33 13.62
CA PRO A 53 31.74 -22.46 15.07
C PRO A 53 33.22 -22.25 15.38
N GLY A 54 33.49 -21.47 16.43
CA GLY A 54 34.82 -21.16 16.86
C GLY A 54 35.34 -19.82 16.39
N GLN A 55 34.85 -19.34 15.25
CA GLN A 55 35.24 -18.04 14.72
C GLN A 55 34.18 -17.00 15.06
N THR A 56 34.63 -15.79 15.37
CA THR A 56 33.71 -14.73 15.75
C THR A 56 32.92 -14.25 14.53
N GLN A 57 31.61 -14.13 14.69
CA GLN A 57 30.74 -13.82 13.57
C GLN A 57 30.81 -12.35 13.17
N ALA A 58 30.91 -11.45 14.13
CA ALA A 58 30.99 -10.02 13.86
C ALA A 58 31.66 -9.32 15.03
N ASN A 59 32.31 -8.19 14.73
CA ASN A 59 33.00 -7.41 15.75
C ASN A 59 32.27 -6.11 16.07
N PHE A 60 30.96 -6.06 15.84
CA PHE A 60 30.16 -4.88 16.12
C PHE A 60 28.69 -5.29 16.16
N ASN A 61 27.86 -4.37 16.62
CA ASN A 61 26.42 -4.60 16.71
C ASN A 61 25.68 -3.41 16.12
N TRP A 62 24.52 -3.70 15.53
CA TRP A 62 23.56 -2.67 15.16
C TRP A 62 22.67 -2.36 16.35
N THR A 63 22.19 -1.12 16.41
CA THR A 63 21.31 -0.70 17.48
C THR A 63 20.17 0.13 16.89
N PRO A 64 18.94 -0.11 17.33
CA PRO A 64 17.81 0.67 16.81
C PRO A 64 17.83 2.09 17.32
N HIS A 65 17.36 3.02 16.49
CA HIS A 65 17.26 4.41 16.87
C HIS A 65 16.01 5.04 16.28
N LYS A 66 15.40 5.95 17.03
CA LYS A 66 14.19 6.62 16.58
C LYS A 66 14.50 7.54 15.40
N VAL A 67 13.63 7.49 14.39
CA VAL A 67 13.79 8.28 13.18
C VAL A 67 12.44 8.82 12.75
N ARG A 68 12.40 10.10 12.37
CA ARG A 68 11.20 10.70 11.83
C ARG A 68 11.24 10.62 10.31
N PHE A 69 10.29 9.89 9.72
CA PHE A 69 10.25 9.64 8.29
C PHE A 69 9.27 10.61 7.65
N HIS A 70 9.80 11.53 6.84
CA HIS A 70 8.96 12.52 6.17
C HIS A 70 8.40 11.93 4.88
N ASP A 71 7.09 12.08 4.68
CA ASP A 71 6.44 11.59 3.48
C ASP A 71 6.91 12.41 2.28
N ALA A 72 7.43 11.72 1.26
CA ALA A 72 7.90 12.37 0.05
C ALA A 72 6.79 12.61 -0.97
N ARG A 73 5.62 12.02 -0.78
CA ARG A 73 4.55 12.15 -1.76
C ARG A 73 4.10 13.60 -2.01
N PRO A 74 3.96 14.46 -0.99
CA PRO A 74 3.59 15.86 -1.30
C PRO A 74 4.56 16.56 -2.24
N GLN A 75 5.84 16.19 -2.21
CA GLN A 75 6.86 16.81 -3.05
C GLN A 75 7.59 15.75 -3.88
N ARG A 76 6.83 14.78 -4.40
CA ARG A 76 7.45 13.60 -5.01
C ARG A 76 8.35 13.94 -6.18
N ASP A 77 7.89 14.83 -7.06
CA ASP A 77 8.62 15.12 -8.28
C ASP A 77 9.78 16.09 -8.07
N SER A 78 10.01 16.57 -6.86
CA SER A 78 11.02 17.58 -6.62
C SER A 78 12.37 17.03 -6.19
N PHE A 79 12.43 15.75 -5.82
CA PHE A 79 13.69 15.15 -5.40
C PHE A 79 14.46 14.66 -6.64
N ASP A 80 15.73 15.08 -6.75
CA ASP A 80 16.58 14.68 -7.85
C ASP A 80 17.86 14.05 -7.32
N LEU A 81 18.57 13.38 -8.23
CA LEU A 81 19.73 12.57 -7.83
C LEU A 81 20.94 13.40 -7.46
N ASN A 82 21.02 14.65 -7.92
CA ASN A 82 22.20 15.48 -7.63
C ASN A 82 22.07 16.21 -6.29
N THR A 83 20.89 16.75 -5.99
CA THR A 83 20.73 17.51 -4.76
C THR A 83 20.47 16.59 -3.56
N HIS A 84 19.65 15.55 -3.74
CA HIS A 84 19.26 14.68 -2.64
C HIS A 84 19.90 13.30 -2.67
N GLY A 85 20.39 12.85 -3.82
CA GLY A 85 20.91 11.51 -3.95
C GLY A 85 19.88 10.45 -4.26
N PHE A 86 18.61 10.84 -4.42
CA PHE A 86 17.56 9.89 -4.79
C PHE A 86 16.49 10.63 -5.58
N THR A 87 15.70 9.85 -6.31
CA THR A 87 14.60 10.41 -7.09
C THR A 87 13.53 9.34 -7.26
N PHE A 88 12.31 9.81 -7.56
CA PHE A 88 11.17 8.94 -7.83
C PHE A 88 10.68 9.23 -9.23
N VAL A 89 10.60 8.19 -10.06
CA VAL A 89 10.25 8.33 -11.47
C VAL A 89 9.08 7.42 -11.78
N GLU A 90 8.15 7.90 -12.61
CA GLU A 90 7.04 7.10 -13.07
C GLU A 90 7.48 6.18 -14.19
N ASP A 91 7.24 4.88 -14.03
CA ASP A 91 7.64 3.90 -15.05
C ASP A 91 6.72 2.69 -14.89
N ALA A 92 5.78 2.55 -15.82
CA ALA A 92 4.83 1.44 -15.81
C ALA A 92 5.39 0.27 -16.59
N ILE A 93 5.28 -0.93 -16.01
CA ILE A 93 5.67 -2.17 -16.67
C ILE A 93 4.46 -3.10 -16.69
N SER A 94 4.57 -4.14 -17.51
CA SER A 94 3.44 -5.04 -17.72
C SER A 94 3.17 -5.86 -16.46
N PRO A 95 1.91 -6.18 -16.16
CA PRO A 95 1.64 -7.06 -15.01
C PRO A 95 2.15 -8.48 -15.22
N GLN A 96 2.42 -8.86 -16.48
CA GLN A 96 2.95 -10.20 -16.75
C GLN A 96 4.42 -10.29 -16.34
N LEU A 97 5.19 -9.23 -16.58
CA LEU A 97 6.57 -9.19 -16.12
C LEU A 97 6.65 -9.16 -14.60
N ILE A 98 5.70 -8.48 -13.95
CA ILE A 98 5.68 -8.43 -12.50
C ILE A 98 5.43 -9.83 -11.92
N GLU A 99 4.44 -10.53 -12.46
CA GLU A 99 4.15 -11.88 -11.98
C GLU A 99 5.28 -12.85 -12.30
N ARG A 100 6.01 -12.62 -13.40
CA ARG A 100 7.16 -13.46 -13.70
C ARG A 100 8.29 -13.22 -12.71
N ILE A 101 8.57 -11.95 -12.39
CA ILE A 101 9.57 -11.63 -11.37
C ILE A 101 9.14 -12.19 -10.03
N ARG A 102 7.84 -12.11 -9.71
CA ARG A 102 7.35 -12.68 -8.46
C ARG A 102 7.47 -14.19 -8.43
N ALA A 103 7.45 -14.84 -9.59
CA ALA A 103 7.59 -16.28 -9.69
C ALA A 103 9.05 -16.73 -9.78
N ASP A 104 9.99 -15.84 -9.44
CA ASP A 104 11.42 -16.16 -9.44
C ASP A 104 11.91 -16.59 -10.82
N ASP A 105 11.42 -15.90 -11.85
CA ASP A 105 11.84 -16.16 -13.23
C ASP A 105 13.15 -15.41 -13.47
N THR A 106 14.27 -16.12 -13.28
CA THR A 106 15.58 -15.49 -13.45
C THR A 106 15.81 -15.01 -14.88
N ALA A 107 15.23 -15.70 -15.86
CA ALA A 107 15.39 -15.28 -17.25
C ALA A 107 14.64 -13.97 -17.51
N ALA A 108 13.49 -13.78 -16.88
CA ALA A 108 12.74 -12.54 -17.05
C ALA A 108 13.44 -11.38 -16.33
N VAL A 109 14.13 -11.66 -15.23
CA VAL A 109 14.82 -10.61 -14.50
C VAL A 109 16.04 -10.13 -15.26
N GLU A 110 16.93 -11.06 -15.62
CA GLU A 110 18.16 -10.71 -16.32
C GLU A 110 17.94 -10.29 -17.76
N GLY A 111 16.75 -10.53 -18.31
CA GLY A 111 16.48 -10.18 -19.69
C GLY A 111 15.60 -8.96 -19.86
N ASP A 112 14.30 -9.13 -19.62
CA ASP A 112 13.36 -8.04 -19.87
C ASP A 112 13.49 -6.95 -18.82
N TYR A 113 13.66 -7.31 -17.55
CA TYR A 113 13.72 -6.29 -16.51
C TYR A 113 15.04 -5.53 -16.56
N PHE A 114 16.15 -6.23 -16.81
CA PHE A 114 17.43 -5.54 -16.98
C PHE A 114 17.36 -4.52 -18.10
N ALA A 115 16.72 -4.88 -19.21
CA ALA A 115 16.53 -3.92 -20.30
C ALA A 115 15.59 -2.80 -19.88
N SER A 116 14.58 -3.13 -19.07
CA SER A 116 13.67 -2.10 -18.58
C SER A 116 14.38 -1.12 -17.64
N VAL A 117 15.23 -1.64 -16.75
CA VAL A 117 15.93 -0.78 -15.82
C VAL A 117 16.94 0.09 -16.54
N ALA A 118 17.67 -0.48 -17.50
CA ALA A 118 18.67 0.28 -18.24
C ALA A 118 18.03 1.42 -19.03
N ALA A 119 16.89 1.16 -19.66
CA ALA A 119 16.21 2.19 -20.44
C ALA A 119 15.68 3.31 -19.54
N LEU A 120 15.18 2.94 -18.35
CA LEU A 120 14.66 3.95 -17.43
C LEU A 120 15.77 4.85 -16.91
N VAL A 121 16.93 4.27 -16.57
CA VAL A 121 18.06 5.08 -16.11
C VAL A 121 18.58 5.97 -17.24
N LYS A 122 18.54 5.47 -18.48
CA LYS A 122 19.07 6.26 -19.60
C LYS A 122 18.21 7.48 -19.88
N ARG A 123 16.88 7.35 -19.80
CA ARG A 123 16.00 8.48 -20.06
C ARG A 123 15.89 9.43 -18.87
N VAL A 124 16.30 9.02 -17.68
CA VAL A 124 16.30 9.90 -16.52
C VAL A 124 17.60 10.69 -16.43
N THR A 125 18.73 10.05 -16.74
CA THR A 125 20.04 10.67 -16.60
C THR A 125 20.70 11.06 -17.91
N GLY A 126 20.22 10.54 -19.04
CA GLY A 126 20.89 10.79 -20.30
C GLY A 126 22.23 10.10 -20.43
N ALA A 127 22.44 9.02 -19.67
CA ALA A 127 23.73 8.37 -19.64
C ALA A 127 23.99 7.58 -20.93
N ASP A 128 25.27 7.29 -21.18
CA ASP A 128 25.68 6.55 -22.36
C ASP A 128 25.65 5.04 -22.15
N HIS A 129 26.03 4.57 -20.96
CA HIS A 129 26.15 3.15 -20.70
C HIS A 129 25.57 2.81 -19.33
N VAL A 130 24.80 1.73 -19.28
CA VAL A 130 24.18 1.25 -18.05
C VAL A 130 24.40 -0.26 -17.96
N VAL A 131 24.95 -0.73 -16.85
CA VAL A 131 25.24 -2.14 -16.63
C VAL A 131 24.49 -2.58 -15.38
N CYS A 132 23.61 -3.56 -15.53
CA CYS A 132 22.82 -4.09 -14.42
C CYS A 132 23.49 -5.32 -13.82
N PHE A 133 23.32 -5.48 -12.51
CA PHE A 133 23.91 -6.61 -11.80
C PHE A 133 23.24 -6.74 -10.43
N SER A 134 23.41 -7.92 -9.83
CA SER A 134 22.97 -8.24 -8.48
C SER A 134 21.49 -7.94 -8.28
N PRO A 135 20.58 -8.69 -8.89
CA PRO A 135 19.15 -8.49 -8.63
C PRO A 135 18.75 -9.16 -7.31
N TYR A 136 17.88 -8.47 -6.58
CA TYR A 136 17.43 -8.95 -5.27
C TYR A 136 15.91 -8.82 -5.18
N THR A 137 15.21 -9.94 -5.34
CA THR A 137 13.78 -10.00 -5.13
C THR A 137 13.51 -10.25 -3.65
N ARG A 138 12.75 -9.37 -3.02
CA ARG A 138 12.53 -9.40 -1.59
C ARG A 138 11.07 -9.67 -1.26
N LYS A 139 10.86 -10.38 -0.16
CA LYS A 139 9.52 -10.67 0.35
C LYS A 139 9.58 -10.63 1.88
N GLU A 140 8.63 -9.92 2.49
CA GLU A 140 8.57 -9.86 3.94
C GLU A 140 8.28 -11.25 4.50
N ASN A 141 9.06 -11.65 5.51
CA ASN A 141 8.96 -12.97 6.13
C ASN A 141 9.24 -14.09 5.12
N SER A 142 10.23 -13.86 4.26
CA SER A 142 10.62 -14.87 3.28
C SER A 142 11.63 -15.84 3.88
N GLU A 143 12.07 -16.80 3.07
CA GLU A 143 13.11 -17.74 3.46
C GLU A 143 14.27 -17.76 2.48
N LYS A 144 14.31 -16.82 1.53
CA LYS A 144 15.38 -16.76 0.54
C LYS A 144 16.64 -16.11 1.12
N GLY A 145 16.87 -16.30 2.41
CA GLY A 145 18.00 -15.69 3.07
C GLY A 145 17.71 -14.27 3.54
N ILE A 146 18.78 -13.53 3.78
CA ILE A 146 18.65 -12.13 4.19
C ILE A 146 18.31 -11.25 3.01
N PHE A 147 18.94 -11.52 1.86
CA PHE A 147 18.80 -10.64 0.70
C PHE A 147 17.49 -10.84 -0.05
N GLY A 148 16.68 -11.80 0.38
CA GLY A 148 15.32 -11.91 -0.13
C GLY A 148 14.32 -11.34 0.85
N GLN A 149 14.81 -10.56 1.80
CA GLN A 149 14.00 -9.93 2.84
C GLN A 149 14.32 -8.45 2.89
N PRO A 150 13.39 -7.64 3.39
CA PRO A 150 13.64 -6.19 3.49
C PRO A 150 14.85 -5.89 4.38
N ALA A 151 15.67 -4.95 3.93
CA ALA A 151 16.85 -4.56 4.69
C ALA A 151 16.46 -3.84 5.97
N ARG A 152 17.08 -4.22 7.08
CA ARG A 152 16.77 -3.63 8.37
C ARG A 152 17.84 -2.69 8.90
N THR A 153 19.04 -2.69 8.31
CA THR A 153 20.11 -1.80 8.72
C THR A 153 20.36 -0.75 7.66
N VAL A 154 20.63 0.48 8.10
CA VAL A 154 20.85 1.59 7.18
C VAL A 154 22.19 1.40 6.48
N HIS A 155 22.18 1.50 5.15
CA HIS A 155 23.38 1.17 4.39
C HIS A 155 23.43 1.96 3.09
N CYS A 156 24.64 2.11 2.57
CA CYS A 156 24.90 2.51 1.20
C CYS A 156 25.61 1.35 0.51
N ASP A 157 25.08 0.94 -0.65
CA ASP A 157 25.44 -0.36 -1.20
C ASP A 157 26.93 -0.50 -1.49
N HIS A 158 27.59 0.57 -1.92
CA HIS A 158 28.99 0.49 -2.29
C HIS A 158 29.79 1.62 -1.66
N THR A 159 30.93 1.27 -1.07
CA THR A 159 31.97 2.24 -0.82
C THR A 159 32.59 2.66 -2.15
N PRO A 160 33.31 3.79 -2.19
CA PRO A 160 34.02 4.14 -3.42
C PRO A 160 34.91 3.02 -3.95
N ALA A 161 35.63 2.31 -3.06
CA ALA A 161 36.46 1.19 -3.51
C ALA A 161 35.60 0.10 -4.13
N ALA A 162 34.42 -0.16 -3.56
CA ALA A 162 33.55 -1.20 -4.09
C ALA A 162 33.02 -0.82 -5.47
N ALA A 163 32.66 0.46 -5.65
CA ALA A 163 32.13 0.89 -6.93
C ALA A 163 33.17 0.79 -8.04
N ILE A 164 34.42 1.15 -7.73
CA ILE A 164 35.48 1.07 -8.73
C ILE A 164 35.82 -0.39 -9.02
N GLU A 165 35.84 -1.23 -7.98
CA GLU A 165 36.13 -2.65 -8.16
C GLU A 165 35.06 -3.32 -9.02
N LEU A 166 33.80 -2.94 -8.83
CA LEU A 166 32.73 -3.53 -9.63
C LEU A 166 32.83 -3.12 -11.09
N THR A 167 33.31 -1.91 -11.37
CA THR A 167 33.48 -1.49 -12.76
C THR A 167 34.54 -2.34 -13.46
N HIS A 168 35.66 -2.58 -12.79
CA HIS A 168 36.71 -3.42 -13.38
C HIS A 168 36.25 -4.87 -13.51
N LYS A 169 35.36 -5.33 -12.62
CA LYS A 169 34.91 -6.71 -12.65
C LYS A 169 33.88 -6.93 -13.75
N LEU A 170 33.01 -5.95 -13.99
CA LEU A 170 31.91 -6.12 -14.94
C LEU A 170 32.18 -5.49 -16.31
N CYS A 171 33.08 -4.52 -16.39
CA CYS A 171 33.43 -3.91 -17.66
C CYS A 171 34.83 -4.29 -18.16
N GLY A 172 35.69 -4.81 -17.28
CA GLY A 172 36.98 -5.33 -17.65
C GLY A 172 37.89 -4.38 -18.41
N GLU A 173 38.07 -4.66 -19.70
CA GLU A 173 39.00 -3.89 -20.53
C GLU A 173 38.52 -2.47 -20.79
N ASP A 174 37.21 -2.22 -20.71
CA ASP A 174 36.66 -0.90 -20.92
C ASP A 174 36.57 -0.08 -19.64
N ALA A 175 36.99 -0.65 -18.50
CA ALA A 175 36.78 0.01 -17.22
C ALA A 175 37.55 1.33 -17.14
N VAL A 176 38.82 1.32 -17.55
CA VAL A 176 39.65 2.51 -17.44
C VAL A 176 39.07 3.65 -18.28
N ARG A 177 38.67 3.36 -19.51
CA ARG A 177 38.08 4.38 -20.37
C ARG A 177 36.76 4.88 -19.81
N LEU A 178 35.92 3.96 -19.31
CA LEU A 178 34.63 4.36 -18.76
C LEU A 178 34.79 5.20 -17.50
N LEU A 179 35.80 4.88 -16.69
CA LEU A 179 36.02 5.62 -15.45
C LEU A 179 36.53 7.04 -15.69
N GLN A 180 36.83 7.40 -16.94
CA GLN A 180 37.22 8.77 -17.25
C GLN A 180 36.02 9.69 -17.41
N SER A 181 34.85 9.14 -17.73
CA SER A 181 33.61 9.90 -17.73
C SER A 181 32.97 9.83 -16.35
N ARG A 182 31.84 10.50 -16.19
CA ARG A 182 31.12 10.48 -14.92
C ARG A 182 30.62 9.07 -14.63
N PHE A 183 30.89 8.59 -13.42
CA PHE A 183 30.52 7.25 -13.00
C PHE A 183 29.60 7.33 -11.79
N ARG A 184 28.46 6.65 -11.88
CA ARG A 184 27.49 6.61 -10.79
C ARG A 184 27.01 5.18 -10.60
N ALA A 185 26.67 4.85 -9.35
CA ALA A 185 26.14 3.55 -8.99
C ALA A 185 24.78 3.75 -8.34
N PHE A 186 23.76 3.09 -8.87
CA PHE A 186 22.38 3.28 -8.44
C PHE A 186 21.81 1.98 -7.88
N SER A 187 20.86 2.13 -6.96
CA SER A 187 19.95 1.06 -6.57
C SER A 187 18.57 1.40 -7.11
N VAL A 188 18.08 0.57 -8.04
CA VAL A 188 16.80 0.79 -8.70
C VAL A 188 15.77 -0.10 -8.02
N TRP A 189 14.90 0.51 -7.23
CA TRP A 189 13.96 -0.20 -6.36
C TRP A 189 12.54 -0.02 -6.90
N ARG A 190 11.80 -1.13 -6.96
CA ARG A 190 10.43 -1.11 -7.46
C ARG A 190 9.60 -2.17 -6.74
N PRO A 191 8.42 -1.82 -6.24
CA PRO A 191 7.59 -2.82 -5.57
C PRO A 191 6.89 -3.74 -6.56
N LEU A 192 6.73 -4.99 -6.12
CA LEU A 192 6.05 -6.00 -6.92
C LEU A 192 4.58 -6.18 -6.54
N VAL A 193 4.20 -5.79 -5.33
CA VAL A 193 2.80 -5.72 -4.91
C VAL A 193 2.53 -4.30 -4.43
N GLU A 194 1.33 -3.81 -4.72
CA GLU A 194 1.01 -2.41 -4.50
C GLU A 194 -0.32 -2.26 -3.79
N PRO A 195 -0.48 -1.22 -2.95
CA PRO A 195 0.59 -0.27 -2.63
C PRO A 195 1.48 -0.77 -1.50
N VAL A 196 2.69 -0.22 -1.40
CA VAL A 196 3.57 -0.55 -0.29
C VAL A 196 3.07 0.16 0.95
N LEU A 197 2.62 -0.61 1.94
CA LEU A 197 2.17 -0.08 3.22
C LEU A 197 3.18 -0.36 4.34
N ASP A 198 3.66 -1.59 4.42
CA ASP A 198 4.59 -2.00 5.45
C ASP A 198 5.99 -2.19 4.89
N TRP A 199 6.98 -1.95 5.74
CA TRP A 199 8.40 -2.02 5.36
C TRP A 199 8.71 -1.26 4.08
N PRO A 200 8.41 0.04 4.03
CA PRO A 200 8.78 0.82 2.84
C PRO A 200 10.25 1.16 2.86
N LEU A 201 10.76 1.52 1.68
CA LEU A 201 12.16 1.86 1.51
C LEU A 201 12.35 3.33 1.86
N ALA A 202 12.99 3.60 3.00
CA ALA A 202 13.31 4.96 3.38
C ALA A 202 14.60 5.42 2.71
N VAL A 203 14.68 6.72 2.45
CA VAL A 203 15.87 7.32 1.85
C VAL A 203 16.17 8.62 2.58
N VAL A 204 17.45 8.95 2.67
CA VAL A 204 17.91 10.12 3.41
C VAL A 204 18.44 11.16 2.44
N ASP A 205 18.22 12.43 2.79
CA ASP A 205 18.83 13.53 2.05
C ASP A 205 20.35 13.43 2.14
N GLY A 206 21.00 13.24 0.98
CA GLY A 206 22.44 13.10 0.96
C GLY A 206 23.19 14.30 1.50
N ARG A 207 22.57 15.48 1.48
CA ARG A 207 23.21 16.67 2.04
C ARG A 207 23.27 16.62 3.57
N THR A 208 22.49 15.76 4.20
CA THR A 208 22.45 15.66 5.66
C THR A 208 23.27 14.48 6.18
N ILE A 209 24.11 13.88 5.35
CA ILE A 209 24.98 12.79 5.77
C ILE A 209 26.35 13.37 6.09
N ALA A 210 26.83 13.10 7.29
CA ALA A 210 28.17 13.52 7.67
C ALA A 210 29.18 12.41 7.33
N PRO A 211 30.44 12.77 7.10
CA PRO A 211 31.44 11.72 6.84
C PRO A 211 31.58 10.74 7.99
N ASP A 212 31.39 11.19 9.23
CA ASP A 212 31.46 10.29 10.38
C ASP A 212 30.27 9.34 10.46
N ASP A 213 29.24 9.56 9.64
CA ASP A 213 28.10 8.65 9.59
C ASP A 213 28.37 7.39 8.79
N LEU A 214 29.44 7.35 8.00
CA LEU A 214 29.71 6.22 7.11
C LEU A 214 30.73 5.29 7.74
N HIS A 215 30.41 4.01 7.78
CA HIS A 215 31.28 2.99 8.35
C HIS A 215 31.36 1.80 7.40
N PRO A 216 32.51 1.56 6.78
CA PRO A 216 32.64 0.36 5.92
C PRO A 216 32.53 -0.90 6.77
N VAL A 217 31.80 -1.89 6.24
CA VAL A 217 31.61 -3.17 6.90
C VAL A 217 31.82 -4.26 5.86
N HIS A 218 32.74 -5.19 6.15
CA HIS A 218 33.11 -6.24 5.23
C HIS A 218 32.25 -7.47 5.49
N PHE A 219 31.37 -7.80 4.54
CA PHE A 219 30.52 -8.97 4.66
C PHE A 219 31.29 -10.20 4.20
N LEU A 220 31.57 -11.11 5.14
CA LEU A 220 32.49 -12.22 4.91
C LEU A 220 31.73 -13.46 4.45
N ARG A 221 32.38 -14.26 3.61
CA ARG A 221 31.81 -15.52 3.11
C ARG A 221 32.93 -16.54 3.01
N TYR A 222 32.88 -17.56 3.88
CA TYR A 222 33.88 -18.63 3.89
C TYR A 222 35.31 -18.08 3.88
N GLU A 223 35.53 -17.01 4.66
CA GLU A 223 36.81 -16.35 4.82
C GLU A 223 37.29 -15.62 3.56
N LYS A 224 36.48 -15.58 2.50
CA LYS A 224 36.85 -14.78 1.33
C LYS A 224 36.77 -13.31 1.68
N LYS A 225 37.83 -12.55 1.40
CA LYS A 225 37.82 -11.13 1.68
C LYS A 225 36.80 -10.41 0.78
N ASP A 226 36.05 -9.50 1.38
CA ASP A 226 35.03 -8.73 0.66
C ASP A 226 35.70 -7.51 0.05
N THR A 227 35.94 -7.57 -1.26
CA THR A 227 36.48 -6.44 -2.00
C THR A 227 35.40 -5.50 -2.52
N GLU A 228 34.14 -5.77 -2.21
CA GLU A 228 33.02 -4.93 -2.64
C GLU A 228 32.13 -4.58 -1.44
N PRO A 229 32.69 -3.94 -0.42
CA PRO A 229 31.97 -3.77 0.84
C PRO A 229 31.08 -2.54 0.80
N PRO A 230 29.99 -2.56 1.57
CA PRO A 230 29.09 -1.39 1.61
C PRO A 230 29.45 -0.42 2.71
N PHE A 231 28.72 0.69 2.78
CA PHE A 231 28.74 1.56 3.94
C PHE A 231 27.61 1.16 4.87
N GLN A 232 27.90 1.12 6.17
CA GLN A 232 26.89 1.02 7.20
C GLN A 232 26.85 2.35 7.95
N LEU A 233 25.65 2.86 8.19
CA LEU A 233 25.48 4.20 8.72
C LEU A 233 25.16 4.19 10.21
N SER A 234 25.66 5.20 10.90
CA SER A 234 25.27 5.50 12.27
C SER A 234 24.25 6.64 12.27
N PHE A 235 23.48 6.72 13.35
CA PHE A 235 22.41 7.71 13.40
C PHE A 235 22.97 9.12 13.60
N SER A 236 22.21 10.10 13.14
CA SER A 236 22.50 11.51 13.38
C SER A 236 21.19 12.28 13.35
N GLU A 237 21.03 13.22 14.28
CA GLU A 237 19.84 14.05 14.29
C GLU A 237 19.75 14.95 13.07
N THR A 238 20.88 15.24 12.42
CA THR A 238 20.87 16.09 11.24
C THR A 238 20.28 15.37 10.03
N GLN A 239 20.35 14.04 10.01
CA GLN A 239 19.85 13.27 8.89
C GLN A 239 18.35 13.49 8.72
N LYS A 240 17.94 13.88 7.51
CA LYS A 240 16.54 14.06 7.17
C LYS A 240 16.10 12.87 6.32
N TRP A 241 15.29 12.01 6.90
CA TRP A 241 14.88 10.76 6.26
C TRP A 241 13.52 10.93 5.58
N TYR A 242 13.38 10.31 4.42
CA TYR A 242 12.17 10.40 3.61
C TYR A 242 11.66 9.01 3.30
N TYR A 243 10.41 8.95 2.85
CA TYR A 243 9.81 7.71 2.35
C TYR A 243 8.58 8.07 1.53
N LEU A 244 8.36 7.33 0.46
CA LEU A 244 7.20 7.54 -0.41
C LEU A 244 6.06 6.67 0.08
N SER A 245 5.06 7.29 0.71
CA SER A 245 3.95 6.54 1.27
C SER A 245 3.10 5.93 0.16
N ARG A 246 2.65 4.70 0.39
CA ARG A 246 1.77 3.98 -0.54
C ARG A 246 2.39 3.89 -1.94
N GLN A 247 3.68 3.56 -1.99
CA GLN A 247 4.38 3.47 -3.26
C GLN A 247 3.80 2.34 -4.11
N ARG A 248 3.62 2.60 -5.39
CA ARG A 248 3.02 1.66 -6.32
C ARG A 248 4.09 1.06 -7.23
N SER A 249 3.69 0.00 -7.95
CA SER A 249 4.60 -0.68 -8.85
C SER A 249 5.03 0.19 -10.03
N ASP A 250 4.31 1.28 -10.29
CA ASP A 250 4.66 2.21 -11.36
C ASP A 250 5.54 3.35 -10.88
N GLU A 251 5.86 3.41 -9.59
CA GLU A 251 6.73 4.43 -9.02
C GLU A 251 8.05 3.75 -8.62
N VAL A 252 9.12 4.12 -9.30
CA VAL A 252 10.43 3.51 -9.12
C VAL A 252 11.33 4.46 -8.33
N SER A 253 11.99 3.94 -7.31
CA SER A 253 12.94 4.71 -6.52
C SER A 253 14.35 4.42 -7.01
N ILE A 254 15.08 5.48 -7.37
CA ILE A 254 16.47 5.38 -7.79
C ILE A 254 17.31 6.01 -6.69
N VAL A 255 18.11 5.19 -6.00
CA VAL A 255 18.92 5.64 -4.88
C VAL A 255 20.38 5.59 -5.31
N LYS A 256 21.08 6.72 -5.19
CA LYS A 256 22.46 6.80 -5.64
C LYS A 256 23.40 6.26 -4.57
N ASN A 257 24.23 5.29 -4.96
CA ASN A 257 25.22 4.71 -4.07
C ASN A 257 26.62 5.28 -4.26
N TYR A 258 26.92 5.84 -5.43
CA TYR A 258 28.22 6.44 -5.68
C TYR A 258 28.09 7.47 -6.78
N ASP A 259 28.94 8.50 -6.72
CA ASP A 259 28.95 9.54 -7.74
C ASP A 259 30.37 10.11 -7.83
N SER A 260 30.97 10.01 -9.01
CA SER A 260 32.31 10.56 -9.22
C SER A 260 32.29 12.09 -9.26
N GLU A 261 31.14 12.70 -9.54
CA GLU A 261 31.04 14.14 -9.64
C GLU A 261 30.71 14.74 -8.27
N VAL A 262 31.26 15.93 -8.03
CA VAL A 262 31.02 16.64 -6.77
C VAL A 262 29.68 17.37 -6.91
N VAL A 263 28.65 16.86 -6.23
CA VAL A 263 27.32 17.45 -6.23
C VAL A 263 26.92 17.64 -4.77
N PRO A 264 25.82 18.37 -4.47
CA PRO A 264 25.42 18.52 -3.06
C PRO A 264 25.23 17.19 -2.33
N SER A 265 24.86 16.13 -3.04
CA SER A 265 24.68 14.81 -2.44
C SER A 265 25.57 13.81 -3.17
N PRO A 266 26.78 13.54 -2.67
CA PRO A 266 27.62 12.52 -3.31
C PRO A 266 26.99 11.14 -3.29
N ARG A 267 26.14 10.88 -2.31
CA ARG A 267 25.46 9.59 -2.19
C ARG A 267 24.25 9.77 -1.30
N SER A 268 23.39 8.76 -1.30
CA SER A 268 22.29 8.66 -0.36
C SER A 268 22.44 7.38 0.45
N ALA A 269 21.44 7.09 1.27
CA ALA A 269 21.42 5.86 2.05
C ALA A 269 19.98 5.43 2.22
N HIS A 270 19.78 4.11 2.35
CA HIS A 270 18.43 3.56 2.36
C HIS A 270 18.36 2.43 3.37
N CYS A 271 17.11 2.12 3.75
CA CYS A 271 16.77 1.10 4.73
C CYS A 271 15.26 1.03 4.81
N ALA A 272 14.76 -0.10 5.30
CA ALA A 272 13.33 -0.27 5.52
C ALA A 272 13.00 -0.10 7.00
N PHE A 273 11.74 0.23 7.28
CA PHE A 273 11.29 0.40 8.66
C PHE A 273 9.86 -0.10 8.80
N LYS A 274 9.51 -0.44 10.04
CA LYS A 274 8.17 -0.91 10.40
C LYS A 274 7.25 0.29 10.49
N HIS A 275 6.29 0.38 9.57
CA HIS A 275 5.34 1.49 9.60
C HIS A 275 4.40 1.32 10.78
N PRO A 276 4.22 2.35 11.62
CA PRO A 276 3.43 2.18 12.85
C PRO A 276 1.92 2.28 12.66
N PHE A 277 1.44 2.77 11.52
CA PHE A 277 0.01 2.98 11.30
C PHE A 277 -0.57 2.00 10.29
N VAL A 278 0.08 0.87 10.07
CA VAL A 278 -0.36 -0.12 9.09
C VAL A 278 -0.87 -1.35 9.84
N PRO A 279 -2.00 -1.93 9.43
CA PRO A 279 -2.52 -3.12 10.11
C PRO A 279 -1.50 -4.25 10.14
N LYS A 280 -1.54 -5.02 11.22
CA LYS A 280 -0.61 -6.14 11.37
C LYS A 280 -0.83 -7.20 10.29
N ASP A 281 -2.08 -7.43 9.91
CA ASP A 281 -2.43 -8.45 8.94
C ASP A 281 -2.28 -7.99 7.50
N ALA A 282 -1.58 -6.89 7.26
CA ALA A 282 -1.35 -6.43 5.90
C ALA A 282 -0.54 -7.48 5.13
N PRO A 283 -0.74 -7.58 3.82
CA PRO A 283 0.04 -8.54 3.04
C PRO A 283 1.52 -8.20 3.11
N PRO A 284 2.39 -9.20 3.00
CA PRO A 284 3.83 -8.93 3.11
C PRO A 284 4.34 -8.11 1.94
N ARG A 285 5.28 -7.23 2.22
CA ARG A 285 5.87 -6.39 1.19
C ARG A 285 6.69 -7.23 0.22
N GLU A 286 6.52 -6.95 -1.08
CA GLU A 286 7.27 -7.62 -2.13
C GLU A 286 7.85 -6.57 -3.07
N SER A 287 9.10 -6.76 -3.47
CA SER A 287 9.79 -5.79 -4.33
C SER A 287 10.99 -6.46 -4.96
N ILE A 288 11.60 -5.73 -5.91
CA ILE A 288 12.84 -6.15 -6.54
C ILE A 288 13.70 -4.92 -6.73
N ASP A 289 14.98 -5.02 -6.34
CA ASP A 289 15.94 -3.95 -6.54
C ASP A 289 17.11 -4.47 -7.36
N VAL A 290 17.67 -3.59 -8.18
CA VAL A 290 18.77 -3.93 -9.09
C VAL A 290 19.82 -2.84 -9.00
N ARG A 291 21.08 -3.24 -8.91
CA ARG A 291 22.18 -2.28 -8.91
C ARG A 291 22.55 -1.92 -10.34
N CYS A 292 23.06 -0.69 -10.50
CA CYS A 292 23.36 -0.16 -11.83
C CYS A 292 24.71 0.52 -11.84
N LEU A 293 25.52 0.23 -12.86
CA LEU A 293 26.71 1.00 -13.17
C LEU A 293 26.36 1.99 -14.26
N VAL A 294 26.45 3.28 -13.96
CA VAL A 294 25.96 4.34 -14.83
C VAL A 294 27.15 5.21 -15.23
N PHE A 295 27.38 5.33 -16.54
CA PHE A 295 28.49 6.10 -17.08
C PHE A 295 27.95 7.22 -17.97
N GLY A 296 28.47 8.42 -17.77
CA GLY A 296 28.03 9.56 -18.54
C GLY A 296 26.73 10.17 -18.00
N GLY A 297 26.09 10.96 -18.84
CA GLY A 297 24.83 11.58 -18.49
C GLY A 297 24.99 12.78 -17.57
N ARG A 298 23.83 13.27 -17.13
CA ARG A 298 23.78 14.45 -16.27
C ARG A 298 22.99 14.18 -15.00
N THR B 26 -32.34 7.77 21.03
CA THR B 26 -31.24 8.33 20.26
C THR B 26 -30.33 7.23 19.72
N TRP B 27 -30.40 6.04 20.32
CA TRP B 27 -29.60 4.91 19.87
C TRP B 27 -30.28 3.62 20.28
N CYS B 28 -29.91 2.54 19.60
CA CYS B 28 -30.40 1.21 19.89
C CYS B 28 -29.22 0.25 19.87
N GLU B 29 -29.45 -0.95 20.40
CA GLU B 29 -28.41 -1.97 20.52
C GLU B 29 -28.82 -3.22 19.76
N SER B 30 -27.88 -3.76 18.99
CA SER B 30 -28.05 -5.04 18.30
C SER B 30 -26.69 -5.71 18.25
N GLU B 31 -26.48 -6.60 17.28
CA GLU B 31 -25.21 -7.31 17.16
C GLU B 31 -24.86 -7.51 15.70
N MET B 32 -23.56 -7.55 15.42
CA MET B 32 -23.03 -7.81 14.09
C MET B 32 -21.92 -8.83 14.20
N LEU B 33 -21.52 -9.39 13.05
CA LEU B 33 -20.49 -10.41 13.01
C LEU B 33 -19.13 -9.76 12.79
N PHE B 34 -18.22 -9.95 13.74
CA PHE B 34 -16.85 -9.46 13.66
C PHE B 34 -15.88 -10.64 13.63
N VAL B 35 -14.66 -10.36 13.21
CA VAL B 35 -13.60 -11.37 13.21
C VAL B 35 -13.09 -11.54 14.63
N GLN B 36 -13.05 -12.79 15.10
CA GLN B 36 -12.41 -13.14 16.36
C GLN B 36 -10.92 -12.82 16.26
N PRO B 37 -10.41 -11.88 17.05
CA PRO B 37 -8.98 -11.53 16.97
C PRO B 37 -8.09 -12.77 17.08
N ASP B 38 -7.11 -12.86 16.18
CA ASP B 38 -6.23 -14.01 16.06
C ASP B 38 -5.48 -14.30 17.36
N GLU B 43 0.04 -16.58 9.20
CA GLU B 43 -0.57 -16.91 7.92
C GLU B 43 -1.71 -15.95 7.59
N GLU B 44 -1.86 -15.64 6.31
CA GLU B 44 -2.91 -14.72 5.87
C GLU B 44 -4.26 -15.41 5.90
N LEU B 45 -5.29 -14.62 6.18
CA LEU B 45 -6.64 -15.14 6.36
C LEU B 45 -7.27 -15.50 5.03
N TYR B 46 -7.93 -16.65 4.99
CA TYR B 46 -8.64 -17.10 3.79
C TYR B 46 -9.97 -17.72 4.20
N TYR B 47 -10.89 -17.75 3.25
CA TYR B 47 -12.22 -18.32 3.46
C TYR B 47 -12.67 -18.97 2.17
N ARG B 48 -12.85 -20.29 2.18
CA ARG B 48 -13.20 -21.04 0.99
C ARG B 48 -14.71 -21.02 0.82
N VAL B 49 -15.19 -20.40 -0.27
CA VAL B 49 -16.61 -20.41 -0.56
C VAL B 49 -17.03 -21.78 -1.06
N THR B 50 -16.13 -22.51 -1.73
CA THR B 50 -16.37 -23.86 -2.22
C THR B 50 -15.39 -24.80 -1.51
N PRO B 51 -15.72 -25.22 -0.29
CA PRO B 51 -14.75 -25.99 0.51
C PRO B 51 -14.87 -27.49 0.33
N LYS B 52 -13.70 -28.14 0.15
CA LYS B 52 -13.66 -29.56 -0.13
C LYS B 52 -13.57 -30.38 1.15
N PRO B 53 -14.23 -31.54 1.20
CA PRO B 53 -14.04 -32.45 2.33
C PRO B 53 -12.59 -32.89 2.44
N GLY B 54 -12.04 -32.78 3.65
CA GLY B 54 -10.62 -32.99 3.84
C GLY B 54 -9.78 -31.80 3.48
N GLN B 55 -10.39 -30.61 3.38
CA GLN B 55 -9.69 -29.38 3.06
C GLN B 55 -10.10 -28.33 4.08
N THR B 56 -9.12 -27.65 4.67
CA THR B 56 -9.41 -26.63 5.68
C THR B 56 -10.20 -25.49 5.06
N GLN B 57 -11.44 -25.31 5.53
CA GLN B 57 -12.33 -24.32 4.93
C GLN B 57 -11.86 -22.91 5.20
N ALA B 58 -11.39 -22.64 6.41
CA ALA B 58 -10.97 -21.30 6.79
C ALA B 58 -10.02 -21.39 7.98
N ASN B 59 -9.24 -20.32 8.16
CA ASN B 59 -8.29 -20.23 9.27
C ASN B 59 -8.66 -19.13 10.25
N PHE B 60 -9.93 -18.74 10.30
CA PHE B 60 -10.39 -17.73 11.25
C PHE B 60 -11.89 -17.96 11.48
N ASN B 61 -12.46 -17.19 12.39
CA ASN B 61 -13.87 -17.32 12.75
C ASN B 61 -14.51 -15.95 12.87
N TRP B 62 -15.80 -15.90 12.55
CA TRP B 62 -16.63 -14.73 12.81
C TRP B 62 -17.41 -14.95 14.09
N THR B 63 -17.43 -13.95 14.96
CA THR B 63 -18.20 -14.03 16.19
C THR B 63 -19.08 -12.80 16.33
N PRO B 64 -20.27 -12.95 16.88
CA PRO B 64 -21.15 -11.79 17.07
C PRO B 64 -20.79 -11.00 18.31
N HIS B 65 -20.96 -9.68 18.23
CA HIS B 65 -20.74 -8.79 19.36
C HIS B 65 -21.79 -7.71 19.37
N LYS B 66 -22.27 -7.38 20.56
CA LYS B 66 -23.27 -6.33 20.71
C LYS B 66 -22.68 -4.97 20.37
N VAL B 67 -23.44 -4.18 19.61
CA VAL B 67 -22.99 -2.86 19.16
C VAL B 67 -24.08 -1.85 19.45
N ARG B 68 -23.68 -0.67 19.93
CA ARG B 68 -24.60 0.45 20.14
C ARG B 68 -24.61 1.30 18.88
N PHE B 69 -25.78 1.40 18.24
CA PHE B 69 -25.94 2.11 16.98
C PHE B 69 -26.58 3.46 17.26
N HIS B 70 -25.82 4.54 17.05
CA HIS B 70 -26.32 5.88 17.28
C HIS B 70 -27.10 6.38 16.06
N ASP B 71 -28.29 6.91 16.30
CA ASP B 71 -29.11 7.44 15.21
C ASP B 71 -28.51 8.74 14.69
N ALA B 72 -28.21 8.78 13.40
CA ALA B 72 -27.62 9.95 12.78
C ALA B 72 -28.65 10.94 12.25
N ARG B 73 -29.94 10.62 12.33
CA ARG B 73 -30.95 11.48 11.73
C ARG B 73 -30.98 12.89 12.30
N PRO B 74 -30.90 13.12 13.61
CA PRO B 74 -30.90 14.53 14.09
C PRO B 74 -29.76 15.36 13.55
N GLN B 75 -28.67 14.74 13.10
CA GLN B 75 -27.52 15.41 12.52
C GLN B 75 -27.17 14.80 11.17
N ARG B 76 -28.19 14.59 10.34
CA ARG B 76 -28.03 13.79 9.13
C ARG B 76 -27.01 14.40 8.17
N ASP B 77 -27.15 15.68 7.86
CA ASP B 77 -26.32 16.34 6.86
C ASP B 77 -25.01 16.88 7.44
N SER B 78 -24.61 16.42 8.63
CA SER B 78 -23.43 16.93 9.30
C SER B 78 -22.24 15.97 9.23
N PHE B 79 -22.36 14.86 8.50
CA PHE B 79 -21.31 13.86 8.42
C PHE B 79 -20.55 14.02 7.11
N ASP B 80 -19.23 13.82 7.17
CA ASP B 80 -18.31 14.21 6.11
C ASP B 80 -17.46 13.02 5.71
N LEU B 81 -17.12 12.94 4.41
CA LEU B 81 -16.39 11.78 3.91
C LEU B 81 -14.92 11.83 4.30
N ASN B 82 -14.37 13.01 4.53
CA ASN B 82 -12.99 13.11 5.02
C ASN B 82 -12.92 12.90 6.53
N THR B 83 -13.89 13.46 7.26
CA THR B 83 -13.89 13.36 8.72
C THR B 83 -14.34 11.99 9.19
N HIS B 84 -15.51 11.55 8.76
CA HIS B 84 -16.13 10.33 9.26
C HIS B 84 -15.99 9.15 8.30
N GLY B 85 -15.62 9.40 7.04
CA GLY B 85 -15.56 8.33 6.07
C GLY B 85 -16.90 7.94 5.48
N PHE B 86 -17.96 8.68 5.78
CA PHE B 86 -19.29 8.43 5.22
C PHE B 86 -20.08 9.72 5.25
N THR B 87 -21.15 9.74 4.47
CA THR B 87 -22.03 10.90 4.43
C THR B 87 -23.40 10.45 3.92
N PHE B 88 -24.43 11.17 4.35
CA PHE B 88 -25.79 10.97 3.88
C PHE B 88 -26.23 12.19 3.09
N VAL B 89 -26.69 11.97 1.85
CA VAL B 89 -27.04 13.05 0.95
C VAL B 89 -28.43 12.81 0.39
N GLU B 90 -29.24 13.86 0.33
CA GLU B 90 -30.56 13.78 -0.26
C GLU B 90 -30.44 13.82 -1.78
N ASP B 91 -31.01 12.81 -2.43
CA ASP B 91 -30.95 12.72 -3.89
C ASP B 91 -32.12 11.86 -4.36
N ALA B 92 -32.97 12.43 -5.21
CA ALA B 92 -34.19 11.76 -5.66
C ALA B 92 -34.01 11.20 -7.07
N ILE B 93 -34.53 10.00 -7.28
CA ILE B 93 -34.59 9.40 -8.61
C ILE B 93 -36.04 9.05 -8.92
N SER B 94 -36.29 8.69 -10.18
CA SER B 94 -37.65 8.45 -10.63
C SER B 94 -38.25 7.23 -9.94
N PRO B 95 -39.53 7.27 -9.58
CA PRO B 95 -40.17 6.07 -9.02
C PRO B 95 -40.24 4.91 -10.00
N GLN B 96 -40.30 5.20 -11.29
CA GLN B 96 -40.28 4.12 -12.29
C GLN B 96 -38.92 3.44 -12.33
N LEU B 97 -37.84 4.23 -12.17
CA LEU B 97 -36.51 3.64 -12.14
C LEU B 97 -36.31 2.75 -10.91
N ILE B 98 -36.91 3.13 -9.79
CA ILE B 98 -36.83 2.32 -8.57
C ILE B 98 -37.46 0.95 -8.81
N GLU B 99 -38.66 0.95 -9.40
CA GLU B 99 -39.34 -0.32 -9.67
C GLU B 99 -38.61 -1.15 -10.70
N ARG B 100 -37.93 -0.51 -11.66
CA ARG B 100 -37.15 -1.26 -12.63
C ARG B 100 -35.95 -1.93 -11.99
N ILE B 101 -35.28 -1.24 -11.05
CA ILE B 101 -34.18 -1.85 -10.32
C ILE B 101 -34.71 -3.01 -9.46
N ARG B 102 -35.86 -2.83 -8.83
CA ARG B 102 -36.47 -3.91 -8.07
C ARG B 102 -36.86 -5.09 -8.97
N ALA B 103 -37.16 -4.81 -10.24
CA ALA B 103 -37.52 -5.84 -11.21
C ALA B 103 -36.30 -6.44 -11.92
N ASP B 104 -35.10 -6.16 -11.44
CA ASP B 104 -33.86 -6.72 -11.98
C ASP B 104 -33.63 -6.29 -13.43
N ASP B 105 -33.96 -5.03 -13.74
CA ASP B 105 -33.67 -4.46 -15.05
C ASP B 105 -32.22 -4.01 -15.05
N THR B 106 -31.33 -4.90 -15.50
CA THR B 106 -29.91 -4.60 -15.48
C THR B 106 -29.56 -3.43 -16.39
N ALA B 107 -30.29 -3.28 -17.49
CA ALA B 107 -30.05 -2.12 -18.37
C ALA B 107 -30.43 -0.83 -17.68
N ALA B 108 -31.45 -0.84 -16.82
CA ALA B 108 -31.79 0.35 -16.05
C ALA B 108 -30.74 0.65 -15.00
N VAL B 109 -30.12 -0.38 -14.44
CA VAL B 109 -29.07 -0.18 -13.44
C VAL B 109 -27.80 0.35 -14.09
N GLU B 110 -27.31 -0.36 -15.11
CA GLU B 110 -26.04 0.00 -15.74
C GLU B 110 -26.13 1.27 -16.57
N GLY B 111 -27.33 1.70 -16.93
CA GLY B 111 -27.48 2.89 -17.75
C GLY B 111 -27.94 4.11 -16.98
N ASP B 112 -29.22 4.14 -16.61
CA ASP B 112 -29.78 5.31 -15.95
C ASP B 112 -29.21 5.50 -14.55
N TYR B 113 -29.15 4.41 -13.77
CA TYR B 113 -28.72 4.55 -12.39
C TYR B 113 -27.23 4.82 -12.29
N PHE B 114 -26.42 4.17 -13.14
CA PHE B 114 -24.99 4.46 -13.17
C PHE B 114 -24.73 5.93 -13.46
N ALA B 115 -25.55 6.52 -14.35
CA ALA B 115 -25.39 7.93 -14.68
C ALA B 115 -25.77 8.83 -13.51
N SER B 116 -26.83 8.47 -12.78
CA SER B 116 -27.24 9.27 -11.64
C SER B 116 -26.25 9.14 -10.49
N VAL B 117 -25.68 7.95 -10.30
CA VAL B 117 -24.70 7.74 -9.24
C VAL B 117 -23.45 8.57 -9.51
N ALA B 118 -22.96 8.55 -10.76
CA ALA B 118 -21.77 9.32 -11.10
C ALA B 118 -22.02 10.81 -10.96
N ALA B 119 -23.19 11.28 -11.39
CA ALA B 119 -23.51 12.69 -11.24
C ALA B 119 -23.62 13.09 -9.78
N LEU B 120 -24.19 12.22 -8.95
CA LEU B 120 -24.28 12.50 -7.52
C LEU B 120 -22.91 12.54 -6.87
N VAL B 121 -22.07 11.55 -7.16
CA VAL B 121 -20.74 11.49 -6.57
C VAL B 121 -19.91 12.71 -6.99
N LYS B 122 -20.04 13.11 -8.26
CA LYS B 122 -19.31 14.29 -8.73
C LYS B 122 -19.88 15.57 -8.12
N ARG B 123 -21.18 15.58 -7.79
CA ARG B 123 -21.75 16.74 -7.12
C ARG B 123 -21.23 16.86 -5.69
N VAL B 124 -21.08 15.73 -5.00
CA VAL B 124 -20.67 15.75 -3.60
C VAL B 124 -19.18 16.01 -3.46
N THR B 125 -18.36 15.41 -4.34
CA THR B 125 -16.91 15.47 -4.19
C THR B 125 -16.22 16.39 -5.18
N GLY B 126 -16.85 16.70 -6.31
CA GLY B 126 -16.16 17.48 -7.33
C GLY B 126 -15.12 16.69 -8.09
N ALA B 127 -15.24 15.37 -8.14
CA ALA B 127 -14.26 14.53 -8.81
C ALA B 127 -14.37 14.66 -10.33
N ASP B 128 -13.27 14.33 -11.00
CA ASP B 128 -13.22 14.44 -12.46
C ASP B 128 -13.77 13.19 -13.13
N HIS B 129 -13.51 12.01 -12.55
CA HIS B 129 -13.87 10.75 -13.18
C HIS B 129 -14.43 9.79 -12.15
N VAL B 130 -15.50 9.09 -12.51
CA VAL B 130 -16.16 8.11 -11.67
C VAL B 130 -16.42 6.85 -12.49
N VAL B 131 -16.08 5.69 -11.93
CA VAL B 131 -16.29 4.40 -12.59
C VAL B 131 -17.15 3.56 -11.66
N CYS B 132 -18.38 3.28 -12.08
CA CYS B 132 -19.29 2.43 -11.31
C CYS B 132 -19.09 0.98 -11.71
N PHE B 133 -19.21 0.09 -10.72
CA PHE B 133 -19.02 -1.33 -10.98
C PHE B 133 -19.65 -2.14 -9.85
N SER B 134 -19.90 -3.42 -10.15
CA SER B 134 -20.44 -4.40 -9.22
C SER B 134 -21.69 -3.90 -8.49
N PRO B 135 -22.80 -3.69 -9.19
CA PRO B 135 -24.04 -3.33 -8.49
C PRO B 135 -24.66 -4.54 -7.81
N TYR B 136 -25.17 -4.32 -6.61
CA TYR B 136 -25.80 -5.38 -5.82
C TYR B 136 -27.19 -4.91 -5.38
N THR B 137 -28.22 -5.47 -6.02
CA THR B 137 -29.60 -5.24 -5.59
C THR B 137 -29.93 -6.27 -4.52
N ARG B 138 -30.22 -5.79 -3.32
CA ARG B 138 -30.35 -6.66 -2.16
C ARG B 138 -31.80 -6.73 -1.67
N LYS B 139 -32.12 -7.84 -1.04
CA LYS B 139 -33.44 -8.09 -0.46
C LYS B 139 -33.29 -9.18 0.59
N GLU B 140 -33.74 -8.92 1.81
CA GLU B 140 -33.59 -9.91 2.86
C GLU B 140 -34.44 -11.13 2.54
N ASN B 141 -33.85 -12.32 2.74
CA ASN B 141 -34.47 -13.60 2.38
C ASN B 141 -34.69 -13.72 0.88
N SER B 142 -33.73 -13.18 0.11
CA SER B 142 -33.79 -13.28 -1.35
C SER B 142 -33.51 -14.71 -1.80
N ILE B 146 -26.31 -13.92 -0.74
CA ILE B 146 -25.17 -13.20 -0.20
C ILE B 146 -25.17 -11.77 -0.73
N PHE B 147 -24.79 -11.63 -2.01
CA PHE B 147 -24.74 -10.33 -2.65
C PHE B 147 -26.11 -9.82 -3.07
N GLY B 148 -27.15 -10.64 -2.92
CA GLY B 148 -28.52 -10.16 -2.99
C GLY B 148 -29.20 -10.07 -1.64
N GLN B 149 -28.46 -10.19 -0.54
CA GLN B 149 -28.98 -10.15 0.81
C GLN B 149 -28.19 -9.13 1.62
N PRO B 150 -28.77 -8.60 2.70
CA PRO B 150 -28.02 -7.66 3.54
C PRO B 150 -26.74 -8.29 4.07
N ALA B 151 -25.67 -7.50 4.07
CA ALA B 151 -24.38 -7.97 4.57
C ALA B 151 -24.46 -8.24 6.07
N ARG B 152 -23.91 -9.37 6.49
CA ARG B 152 -23.96 -9.78 7.89
C ARG B 152 -22.63 -9.64 8.61
N THR B 153 -21.53 -9.35 7.90
CA THR B 153 -20.22 -9.19 8.51
C THR B 153 -19.73 -7.76 8.32
N VAL B 154 -19.06 -7.24 9.35
CA VAL B 154 -18.53 -5.89 9.30
C VAL B 154 -17.32 -5.87 8.38
N HIS B 155 -17.36 -5.03 7.36
CA HIS B 155 -16.35 -5.10 6.31
C HIS B 155 -16.12 -3.73 5.68
N CYS B 156 -14.97 -3.61 5.03
CA CYS B 156 -14.66 -2.54 4.08
C CYS B 156 -14.40 -3.20 2.74
N ASP B 157 -15.07 -2.70 1.69
CA ASP B 157 -15.20 -3.48 0.45
C ASP B 157 -13.85 -3.81 -0.17
N HIS B 158 -12.85 -2.93 -0.05
CA HIS B 158 -11.55 -3.19 -0.65
C HIS B 158 -10.43 -2.84 0.30
N THR B 159 -9.39 -3.67 0.30
CA THR B 159 -8.11 -3.28 0.86
C THR B 159 -7.42 -2.33 -0.12
N PRO B 160 -6.39 -1.60 0.33
CA PRO B 160 -5.63 -0.78 -0.61
C PRO B 160 -5.13 -1.54 -1.83
N ALA B 161 -4.65 -2.77 -1.65
CA ALA B 161 -4.21 -3.57 -2.79
C ALA B 161 -5.39 -3.92 -3.70
N ALA B 162 -6.55 -4.21 -3.12
CA ALA B 162 -7.72 -4.49 -3.94
C ALA B 162 -8.16 -3.27 -4.73
N ALA B 163 -8.05 -2.08 -4.12
CA ALA B 163 -8.48 -0.86 -4.79
C ALA B 163 -7.57 -0.52 -5.97
N ILE B 164 -6.26 -0.73 -5.81
CA ILE B 164 -5.33 -0.48 -6.91
C ILE B 164 -5.53 -1.51 -8.02
N GLU B 165 -5.77 -2.76 -7.64
CA GLU B 165 -5.99 -3.81 -8.64
C GLU B 165 -7.24 -3.53 -9.47
N LEU B 166 -8.31 -3.04 -8.81
CA LEU B 166 -9.53 -2.73 -9.55
C LEU B 166 -9.33 -1.55 -10.50
N THR B 167 -8.42 -0.63 -10.16
CA THR B 167 -8.13 0.47 -11.08
C THR B 167 -7.47 -0.04 -12.36
N HIS B 168 -6.52 -0.98 -12.23
CA HIS B 168 -5.91 -1.57 -13.41
C HIS B 168 -6.93 -2.39 -14.20
N LYS B 169 -7.81 -3.10 -13.50
CA LYS B 169 -8.77 -3.98 -14.17
C LYS B 169 -9.83 -3.18 -14.91
N LEU B 170 -10.31 -2.09 -14.32
CA LEU B 170 -11.42 -1.35 -14.90
C LEU B 170 -10.99 -0.20 -15.79
N CYS B 171 -9.82 0.39 -15.55
CA CYS B 171 -9.37 1.54 -16.32
C CYS B 171 -8.30 1.21 -17.35
N GLY B 172 -7.75 0.00 -17.32
CA GLY B 172 -6.82 -0.43 -18.36
C GLY B 172 -5.55 0.38 -18.37
N GLU B 173 -5.05 0.67 -19.57
CA GLU B 173 -3.82 1.41 -19.73
C GLU B 173 -3.92 2.86 -19.26
N ASP B 174 -5.11 3.30 -18.85
CA ASP B 174 -5.31 4.64 -18.33
C ASP B 174 -5.18 4.71 -16.82
N ALA B 175 -4.83 3.60 -16.17
CA ALA B 175 -4.83 3.56 -14.71
C ALA B 175 -3.73 4.43 -14.12
N VAL B 176 -2.53 4.39 -14.70
CA VAL B 176 -1.41 5.14 -14.13
C VAL B 176 -1.68 6.64 -14.16
N ARG B 177 -2.29 7.12 -15.26
CA ARG B 177 -2.61 8.53 -15.36
C ARG B 177 -3.65 8.95 -14.32
N LEU B 178 -4.66 8.10 -14.09
CA LEU B 178 -5.69 8.43 -13.10
C LEU B 178 -5.14 8.35 -11.69
N LEU B 179 -4.21 7.44 -11.43
CA LEU B 179 -3.61 7.33 -10.11
C LEU B 179 -2.70 8.50 -9.78
N GLN B 180 -2.43 9.39 -10.74
CA GLN B 180 -1.72 10.63 -10.43
C GLN B 180 -2.59 11.57 -9.60
N SER B 181 -3.90 11.48 -9.73
CA SER B 181 -4.83 12.29 -8.97
C SER B 181 -5.22 11.58 -7.68
N ARG B 182 -6.03 12.24 -6.86
CA ARG B 182 -6.57 11.62 -5.67
C ARG B 182 -7.45 10.44 -6.05
N PHE B 183 -7.30 9.32 -5.35
CA PHE B 183 -8.00 8.09 -5.65
C PHE B 183 -8.82 7.67 -4.45
N ARG B 184 -10.13 7.52 -4.66
CA ARG B 184 -11.06 7.07 -3.63
C ARG B 184 -11.97 6.00 -4.20
N ALA B 185 -12.56 5.21 -3.30
CA ALA B 185 -13.50 4.16 -3.67
C ALA B 185 -14.67 4.20 -2.70
N PHE B 186 -15.89 4.26 -3.25
CA PHE B 186 -17.09 4.42 -2.44
C PHE B 186 -18.03 3.25 -2.64
N SER B 187 -18.90 3.06 -1.65
CA SER B 187 -20.08 2.22 -1.76
C SER B 187 -21.29 3.15 -1.69
N VAL B 188 -21.98 3.32 -2.80
CA VAL B 188 -23.13 4.22 -2.90
C VAL B 188 -24.38 3.39 -2.67
N TRP B 189 -25.00 3.58 -1.51
CA TRP B 189 -26.12 2.75 -1.06
C TRP B 189 -27.41 3.55 -1.06
N ARG B 190 -28.48 2.93 -1.55
CA ARG B 190 -29.79 3.58 -1.62
C ARG B 190 -30.90 2.56 -1.39
N PRO B 191 -31.83 2.83 -0.48
CA PRO B 191 -32.95 1.92 -0.29
C PRO B 191 -33.93 1.97 -1.46
N LEU B 192 -34.48 0.82 -1.82
CA LEU B 192 -35.48 0.74 -2.87
C LEU B 192 -36.90 0.69 -2.33
N VAL B 193 -37.08 0.33 -1.05
CA VAL B 193 -38.37 0.37 -0.39
C VAL B 193 -38.23 1.21 0.87
N GLU B 194 -39.10 2.20 1.02
CA GLU B 194 -39.01 3.15 2.12
C GLU B 194 -40.25 3.07 3.00
N PRO B 195 -40.10 3.29 4.33
CA PRO B 195 -38.82 3.52 4.99
C PRO B 195 -38.15 2.24 5.45
N VAL B 196 -36.83 2.27 5.60
CA VAL B 196 -36.10 1.10 6.06
C VAL B 196 -36.37 0.91 7.55
N LEU B 197 -37.02 -0.19 7.91
CA LEU B 197 -37.33 -0.49 9.30
C LEU B 197 -36.57 -1.67 9.85
N ASP B 198 -35.91 -2.46 9.01
CA ASP B 198 -35.11 -3.59 9.46
C ASP B 198 -33.88 -3.70 8.57
N TRP B 199 -32.83 -4.30 9.14
CA TRP B 199 -31.54 -4.46 8.47
C TRP B 199 -31.04 -3.18 7.81
N PRO B 200 -30.88 -2.10 8.56
CA PRO B 200 -30.35 -0.86 7.97
C PRO B 200 -28.83 -0.94 7.85
N LEU B 201 -28.30 -0.14 6.93
CA LEU B 201 -26.86 -0.12 6.68
C LEU B 201 -26.18 0.73 7.75
N ALA B 202 -25.48 0.07 8.66
CA ALA B 202 -24.74 0.77 9.70
C ALA B 202 -23.36 1.20 9.18
N VAL B 203 -22.89 2.33 9.70
CA VAL B 203 -21.58 2.85 9.34
C VAL B 203 -20.88 3.32 10.61
N VAL B 204 -19.54 3.28 10.59
CA VAL B 204 -18.74 3.63 11.75
C VAL B 204 -17.91 4.86 11.43
N ASP B 205 -17.65 5.66 12.47
CA ASP B 205 -16.72 6.77 12.36
C ASP B 205 -15.33 6.25 12.05
N GLY B 206 -14.82 6.57 10.86
CA GLY B 206 -13.51 6.06 10.45
C GLY B 206 -12.38 6.47 11.37
N ARG B 207 -12.55 7.54 12.13
CA ARG B 207 -11.54 7.95 13.08
C ARG B 207 -11.43 7.01 14.26
N THR B 208 -12.46 6.19 14.51
CA THR B 208 -12.47 5.25 15.63
C THR B 208 -12.08 3.85 15.22
N ILE B 209 -11.56 3.67 14.01
CA ILE B 209 -11.07 2.38 13.55
C ILE B 209 -9.58 2.30 13.85
N ALA B 210 -9.18 1.29 14.62
CA ALA B 210 -7.76 1.04 14.84
C ALA B 210 -7.19 0.22 13.70
N PRO B 211 -5.89 0.37 13.41
CA PRO B 211 -5.29 -0.42 12.33
C PRO B 211 -5.44 -1.92 12.54
N ASP B 212 -5.23 -2.41 13.76
CA ASP B 212 -5.35 -3.83 14.04
C ASP B 212 -6.80 -4.31 14.01
N ASP B 213 -7.78 -3.41 13.89
CA ASP B 213 -9.15 -3.84 13.67
C ASP B 213 -9.36 -4.36 12.26
N LEU B 214 -8.48 -4.01 11.32
CA LEU B 214 -8.64 -4.37 9.92
C LEU B 214 -7.90 -5.68 9.63
N HIS B 215 -8.59 -6.61 8.98
CA HIS B 215 -8.03 -7.91 8.63
C HIS B 215 -8.41 -8.24 7.19
N PRO B 216 -7.47 -8.25 6.25
CA PRO B 216 -7.78 -8.71 4.90
C PRO B 216 -8.12 -10.19 4.90
N VAL B 217 -9.17 -10.55 4.17
CA VAL B 217 -9.62 -11.93 4.05
C VAL B 217 -9.75 -12.27 2.57
N HIS B 218 -9.11 -13.36 2.16
CA HIS B 218 -9.12 -13.80 0.78
C HIS B 218 -10.21 -14.85 0.60
N PHE B 219 -11.29 -14.47 -0.07
CA PHE B 219 -12.39 -15.39 -0.34
C PHE B 219 -12.02 -16.22 -1.57
N LEU B 220 -11.70 -17.49 -1.35
CA LEU B 220 -11.23 -18.37 -2.42
C LEU B 220 -12.43 -19.08 -3.05
N ARG B 221 -12.71 -18.77 -4.31
CA ARG B 221 -13.73 -19.46 -5.08
C ARG B 221 -13.05 -20.51 -5.96
N TYR B 222 -13.41 -21.78 -5.74
CA TYR B 222 -12.73 -22.92 -6.37
C TYR B 222 -11.26 -22.85 -5.96
N GLU B 223 -10.31 -22.78 -6.88
CA GLU B 223 -8.89 -22.70 -6.54
C GLU B 223 -8.27 -21.39 -7.00
N LYS B 224 -9.07 -20.39 -7.36
CA LYS B 224 -8.55 -19.13 -7.88
C LYS B 224 -8.21 -18.18 -6.74
N LYS B 225 -7.10 -17.49 -6.90
CA LYS B 225 -6.65 -16.52 -5.90
C LYS B 225 -7.59 -15.33 -5.85
N ASP B 226 -7.69 -14.72 -4.67
CA ASP B 226 -8.51 -13.52 -4.47
C ASP B 226 -7.59 -12.31 -4.59
N THR B 227 -7.61 -11.67 -5.75
CA THR B 227 -6.82 -10.47 -6.00
C THR B 227 -7.55 -9.19 -5.65
N GLU B 228 -8.78 -9.27 -5.14
CA GLU B 228 -9.54 -8.10 -4.70
C GLU B 228 -10.18 -8.37 -3.34
N PRO B 229 -9.36 -8.58 -2.31
CA PRO B 229 -9.91 -8.96 -1.00
C PRO B 229 -10.45 -7.75 -0.26
N PRO B 230 -11.49 -7.93 0.55
CA PRO B 230 -11.98 -6.85 1.38
C PRO B 230 -11.33 -6.87 2.76
N PHE B 231 -11.59 -5.81 3.52
CA PHE B 231 -11.25 -5.78 4.94
C PHE B 231 -12.39 -6.40 5.72
N GLN B 232 -12.06 -7.31 6.63
CA GLN B 232 -13.03 -7.83 7.61
C GLN B 232 -12.59 -7.36 8.98
N LEU B 233 -13.49 -6.70 9.69
CA LEU B 233 -13.14 -5.98 10.91
C LEU B 233 -13.38 -6.83 12.16
N SER B 234 -12.49 -6.67 13.14
CA SER B 234 -12.73 -7.17 14.48
C SER B 234 -13.34 -6.07 15.33
N PHE B 235 -14.02 -6.48 16.41
CA PHE B 235 -14.74 -5.53 17.24
C PHE B 235 -13.78 -4.74 18.12
N SER B 236 -14.19 -3.52 18.45
CA SER B 236 -13.49 -2.68 19.42
C SER B 236 -14.53 -1.76 20.07
N GLU B 237 -14.39 -1.57 21.38
CA GLU B 237 -15.32 -0.71 22.10
C GLU B 237 -15.15 0.77 21.71
N THR B 238 -14.00 1.14 21.16
CA THR B 238 -13.79 2.52 20.74
C THR B 238 -14.57 2.86 19.48
N GLN B 239 -14.95 1.86 18.68
CA GLN B 239 -15.68 2.11 17.45
C GLN B 239 -17.02 2.76 17.75
N LYS B 240 -17.28 3.91 17.11
CA LYS B 240 -18.52 4.65 17.28
C LYS B 240 -19.39 4.39 16.05
N TRP B 241 -20.40 3.55 16.23
CA TRP B 241 -21.23 3.08 15.12
C TRP B 241 -22.47 3.95 14.97
N TYR B 242 -22.88 4.13 13.71
CA TYR B 242 -24.02 4.99 13.37
C TYR B 242 -24.98 4.24 12.47
N TYR B 243 -26.20 4.77 12.40
CA TYR B 243 -27.20 4.29 11.44
C TYR B 243 -28.26 5.38 11.28
N LEU B 244 -28.84 5.43 10.09
CA LEU B 244 -29.86 6.42 9.76
C LEU B 244 -31.22 5.75 9.88
N SER B 245 -31.97 6.11 10.93
CA SER B 245 -33.25 5.48 11.20
C SER B 245 -34.27 5.85 10.12
N ARG B 246 -35.03 4.85 9.69
CA ARG B 246 -36.10 5.02 8.70
C ARG B 246 -35.58 5.73 7.44
N GLN B 247 -34.46 5.22 6.93
CA GLN B 247 -33.86 5.78 5.73
C GLN B 247 -34.82 5.64 4.54
N ARG B 248 -34.95 6.71 3.78
CA ARG B 248 -35.88 6.76 2.66
C ARG B 248 -35.15 6.52 1.34
N SER B 249 -35.95 6.39 0.27
CA SER B 249 -35.39 6.10 -1.04
C SER B 249 -34.67 7.30 -1.65
N ASP B 250 -34.88 8.50 -1.11
CA ASP B 250 -34.19 9.69 -1.58
C ASP B 250 -33.05 10.10 -0.65
N GLU B 251 -32.61 9.21 0.23
CA GLU B 251 -31.48 9.45 1.12
C GLU B 251 -30.40 8.44 0.78
N VAL B 252 -29.27 8.92 0.26
CA VAL B 252 -28.20 8.07 -0.24
C VAL B 252 -27.07 8.04 0.77
N SER B 253 -26.57 6.85 1.08
CA SER B 253 -25.40 6.67 1.93
C SER B 253 -24.18 6.43 1.05
N ILE B 254 -23.15 7.24 1.23
CA ILE B 254 -21.89 7.09 0.53
C ILE B 254 -20.85 6.70 1.57
N VAL B 255 -20.37 5.46 1.50
CA VAL B 255 -19.42 4.90 2.45
C VAL B 255 -18.08 4.76 1.76
N LYS B 256 -17.06 5.40 2.29
CA LYS B 256 -15.75 5.39 1.67
C LYS B 256 -15.02 4.10 1.99
N ASN B 257 -14.52 3.43 0.95
CA ASN B 257 -13.75 2.21 1.11
C ASN B 257 -12.25 2.43 1.00
N TYR B 258 -11.82 3.51 0.35
CA TYR B 258 -10.40 3.79 0.22
C TYR B 258 -10.21 5.28 -0.07
N ASP B 259 -9.07 5.80 0.35
CA ASP B 259 -8.72 7.20 0.12
C ASP B 259 -7.20 7.31 0.04
N SER B 260 -6.69 7.83 -1.08
CA SER B 260 -5.25 8.07 -1.19
C SER B 260 -4.80 9.25 -0.36
N GLU B 261 -5.71 10.14 0.01
CA GLU B 261 -5.36 11.33 0.76
C GLU B 261 -5.27 11.03 2.26
N VAL B 262 -4.39 11.76 2.95
CA VAL B 262 -4.22 11.62 4.38
C VAL B 262 -5.26 12.52 5.06
N VAL B 263 -6.38 11.92 5.47
CA VAL B 263 -7.49 12.63 6.09
C VAL B 263 -7.85 11.90 7.37
N PRO B 264 -8.65 12.50 8.28
CA PRO B 264 -8.96 11.80 9.54
C PRO B 264 -9.51 10.40 9.37
N SER B 265 -10.40 10.20 8.40
CA SER B 265 -10.94 8.87 8.11
C SER B 265 -10.39 8.38 6.79
N PRO B 266 -9.37 7.52 6.79
CA PRO B 266 -8.93 6.93 5.51
C PRO B 266 -9.96 6.00 4.90
N ARG B 267 -10.92 5.54 5.69
CA ARG B 267 -11.96 4.65 5.23
C ARG B 267 -13.02 4.57 6.32
N SER B 268 -14.15 3.98 5.97
CA SER B 268 -15.18 3.62 6.94
C SER B 268 -15.39 2.11 6.87
N ALA B 269 -16.38 1.63 7.61
CA ALA B 269 -16.77 0.23 7.58
C ALA B 269 -18.28 0.15 7.74
N HIS B 270 -18.88 -0.88 7.15
CA HIS B 270 -20.33 -0.98 7.10
C HIS B 270 -20.76 -2.43 7.26
N CYS B 271 -22.02 -2.60 7.62
CA CYS B 271 -22.68 -3.88 7.82
C CYS B 271 -24.14 -3.61 8.18
N ALA B 272 -24.97 -4.62 8.02
CA ALA B 272 -26.37 -4.55 8.40
C ALA B 272 -26.58 -5.28 9.73
N PHE B 273 -27.62 -4.87 10.46
CA PHE B 273 -27.92 -5.47 11.75
C PHE B 273 -29.43 -5.64 11.89
N LYS B 274 -29.83 -6.63 12.67
CA LYS B 274 -31.23 -6.86 12.96
C LYS B 274 -31.74 -5.82 13.96
N HIS B 275 -32.66 -4.98 13.52
CA HIS B 275 -33.20 -3.95 14.40
C HIS B 275 -34.06 -4.60 15.47
N PRO B 276 -33.92 -4.20 16.75
CA PRO B 276 -34.67 -4.87 17.80
C PRO B 276 -36.13 -4.45 17.91
N PHE B 277 -36.52 -3.32 17.33
CA PHE B 277 -37.88 -2.81 17.43
C PHE B 277 -38.44 -2.61 16.02
N VAL B 278 -38.77 -3.71 15.36
CA VAL B 278 -39.31 -3.70 14.00
C VAL B 278 -40.80 -4.01 14.09
N PRO B 279 -41.66 -3.21 13.45
CA PRO B 279 -43.10 -3.55 13.43
C PRO B 279 -43.34 -4.88 12.74
N LYS B 280 -44.40 -5.56 13.17
CA LYS B 280 -44.68 -6.90 12.67
C LYS B 280 -45.00 -6.93 11.17
N ASP B 281 -45.44 -5.82 10.61
CA ASP B 281 -45.77 -5.71 9.18
C ASP B 281 -44.81 -4.79 8.45
N ALA B 282 -43.52 -4.89 8.75
CA ALA B 282 -42.56 -4.17 7.95
C ALA B 282 -42.17 -5.00 6.73
N PRO B 283 -42.27 -4.45 5.53
CA PRO B 283 -41.85 -5.21 4.34
C PRO B 283 -40.36 -5.48 4.37
N PRO B 284 -39.90 -6.53 3.68
CA PRO B 284 -38.46 -6.83 3.68
C PRO B 284 -37.65 -5.68 3.13
N ARG B 285 -36.45 -5.50 3.68
CA ARG B 285 -35.58 -4.42 3.24
C ARG B 285 -35.11 -4.67 1.82
N GLU B 286 -35.20 -3.65 0.98
CA GLU B 286 -34.72 -3.69 -0.39
C GLU B 286 -33.83 -2.50 -0.65
N SER B 287 -32.74 -2.72 -1.39
CA SER B 287 -31.78 -1.65 -1.62
C SER B 287 -30.88 -2.05 -2.79
N ILE B 288 -30.16 -1.05 -3.32
CA ILE B 288 -29.13 -1.26 -4.32
C ILE B 288 -27.91 -0.45 -3.91
N ASP B 289 -26.75 -1.09 -3.92
CA ASP B 289 -25.48 -0.41 -3.68
C ASP B 289 -24.58 -0.62 -4.89
N VAL B 290 -23.80 0.41 -5.21
CA VAL B 290 -22.88 0.40 -6.34
C VAL B 290 -21.52 0.87 -5.85
N ARG B 291 -20.46 0.17 -6.24
CA ARG B 291 -19.11 0.62 -5.95
C ARG B 291 -18.66 1.63 -7.01
N CYS B 292 -17.82 2.57 -6.59
CA CYS B 292 -17.33 3.61 -7.48
C CYS B 292 -15.84 3.80 -7.27
N LEU B 293 -15.09 3.86 -8.37
CA LEU B 293 -13.74 4.40 -8.36
C LEU B 293 -13.83 5.89 -8.61
N VAL B 294 -13.22 6.68 -7.74
CA VAL B 294 -13.39 8.13 -7.73
C VAL B 294 -12.02 8.79 -7.80
N PHE B 295 -11.78 9.56 -8.87
CA PHE B 295 -10.50 10.18 -9.11
C PHE B 295 -10.65 11.69 -9.11
N GLY B 296 -9.83 12.37 -8.30
CA GLY B 296 -9.88 13.82 -8.20
C GLY B 296 -10.86 14.29 -7.13
N GLY B 297 -11.08 15.60 -7.13
CA GLY B 297 -12.03 16.20 -6.23
C GLY B 297 -11.47 16.42 -4.83
N ARG B 298 -12.38 16.76 -3.92
CA ARG B 298 -12.04 17.02 -2.53
C ARG B 298 -12.87 16.17 -1.59
C1 OGA C . 18.45 -1.71 -2.24
C2 OGA C . 18.06 -2.17 -0.86
C4 OGA C . 16.33 -2.83 0.69
C5 OGA C . 14.87 -3.25 0.73
O1 OGA C . 19.65 -1.61 -2.45
O2 OGA C . 17.53 -1.48 -3.01
O2' OGA C . 18.93 -2.28 0.00
O3 OGA C . 14.37 -3.49 1.85
N1 OGA C . 16.78 -2.47 -0.63
O4 OGA C . 14.26 -3.32 -0.36
CAA H3X D . 29.54 -4.92 -1.63
CAB H3X D . 28.01 -6.07 -3.90
CAC H3X D . 27.50 -6.50 -2.48
CAD H3X D . 26.98 -5.37 -1.50
CAE H3X D . 28.24 -4.79 -0.81
CAF H3X D . 24.33 -3.42 0.60
CAG H3X D . 26.11 -6.02 -0.40
CAH H3X D . 20.71 -4.57 5.48
CAI H3X D . 24.01 -5.03 2.44
CAJ H3X D . 26.57 -7.70 -2.58
CAK H3X D . 26.49 -8.36 -1.20
CAL H3X D . 26.82 -7.34 -0.08
CAM H3X D . 21.89 -6.80 -0.49
CAO H3X D . 24.54 -4.88 1.04
CAP H3X D . 22.00 -4.98 3.68
CAQ H3X D . 26.49 -7.90 1.30
CAR H3X D . 26.13 -4.26 -2.17
CAS H3X D . 26.87 -6.09 -4.93
CAT H3X D . 29.01 -7.12 -4.35
CAU H3X D . 24.74 -4.09 3.39
CAV H3X D . 29.34 -4.30 -2.86
CAZ H3X D . 21.88 -5.47 1.48
CBB H3X D . 22.53 -4.68 2.43
CBC H3X D . 26.02 -5.21 0.90
CBD H3X D . 23.89 -5.74 0.18
CBF H3X D . 22.58 -5.99 0.39
OAN H3X D . 21.06 -4.13 4.16
OAW H3X D . 28.60 -4.74 -3.92
OAX H3X D . 29.76 -3.16 -3.03
OAY H3X D . 22.39 -5.98 4.29
OBA H3X D . 20.70 -5.75 1.64
OBE H3X D . 24.70 -6.19 -0.84
FE FE E . 20.72 -1.44 -0.61
C1 OGA F . -22.03 -2.12 0.43
C2 OGA F . -22.65 -3.14 1.33
C4 OGA F . -24.60 -4.03 2.44
C5 OGA F . -26.12 -3.88 2.46
O1 OGA F . -20.82 -2.22 0.23
O2 OGA F . -22.79 -1.28 -0.05
O2' OGA F . -21.92 -3.98 1.87
O3 OGA F . -26.74 -4.60 3.26
N1 OGA F . -23.97 -3.11 1.52
O4 OGA F . -26.62 -3.05 1.68
FE FE G . -19.93 -3.49 1.45
#